data_8TB2
#
_entry.id   8TB2
#
_cell.length_a   78.600
_cell.length_b   70.210
_cell.length_c   43.540
_cell.angle_alpha   90.00
_cell.angle_beta   90.00
_cell.angle_gamma   90.00
#
_symmetry.space_group_name_H-M   'P 21 21 2'
#
loop_
_entity.id
_entity.type
_entity.pdbx_description
1 polymer 'Putative surface protein MW2416'
2 non-polymer 'SULFATE ION'
3 non-polymer 'CALCIUM ION'
4 non-polymer 'SODIUM ION'
5 non-polymer 'ZINC ION'
6 water water
#
_entity_poly.entity_id   1
_entity_poly.type   'polypeptide(L)'
_entity_poly.pdbx_seq_one_letter_code
;LYFQGPITIQGKEHFEGYGSVDIQSNPEDLKVSEVTRFNNKSIGKNELTGALQLKNKVSFKNDFEFNIRVANNHQSVTTG
ADGWGFLFSKGDGNEYLQKGGILGPKGMENSAGFKIDTGYNFKDPMDKEEKQAGQGFKGYGTFVKTGADGTTAKVGTNIP
TRGKADNSFQYADNSIDTTDGKFHGQLLNNLKLAYNEKSGIMRAEYAGKIWEANISDLGLDKSEAYNFLITSSQRQGTSQ
GVYANGWMRTDLNNSTFKLTPN
;
_entity_poly.pdbx_strand_id   A
#
loop_
_chem_comp.id
_chem_comp.type
_chem_comp.name
_chem_comp.formula
CA non-polymer 'CALCIUM ION' 'Ca 2'
NA non-polymer 'SODIUM ION' 'Na 1'
SO4 non-polymer 'SULFATE ION' 'O4 S -2'
ZN non-polymer 'ZINC ION' 'Zn 2'
#
# COMPACT_ATOMS: atom_id res chain seq x y z
N LEU A 1 20.03 -7.01 32.46
CA LEU A 1 19.76 -7.68 31.19
C LEU A 1 18.85 -6.84 30.31
N TYR A 2 19.17 -6.78 29.02
CA TYR A 2 18.52 -5.86 28.10
C TYR A 2 17.65 -6.63 27.10
N PHE A 3 16.44 -6.14 26.89
CA PHE A 3 15.52 -6.70 25.91
C PHE A 3 14.89 -5.57 25.12
N GLN A 4 14.82 -5.76 23.79
CA GLN A 4 14.21 -4.77 22.92
C GLN A 4 12.70 -4.79 23.09
N GLY A 5 12.13 -3.68 23.56
CA GLY A 5 10.71 -3.54 23.67
C GLY A 5 10.13 -2.88 22.43
N PRO A 6 8.86 -2.47 22.49
CA PRO A 6 8.26 -1.82 21.31
C PRO A 6 8.88 -0.46 21.06
N ILE A 7 8.93 -0.08 19.79
CA ILE A 7 9.34 1.26 19.41
C ILE A 7 8.22 1.89 18.59
N THR A 8 8.21 3.22 18.55
CA THR A 8 7.37 3.93 17.61
C THR A 8 8.27 4.91 16.86
N ILE A 9 8.26 4.81 15.54
CA ILE A 9 9.15 5.60 14.71
C ILE A 9 8.32 6.35 13.66
N GLN A 10 8.88 7.46 13.20
CA GLN A 10 8.24 8.35 12.24
C GLN A 10 9.32 9.00 11.39
N GLY A 11 9.01 9.25 10.14
CA GLY A 11 9.92 9.98 9.29
C GLY A 11 10.68 9.10 8.32
N LYS A 12 11.04 9.68 7.17
CA LYS A 12 11.65 8.95 6.07
C LYS A 12 13.04 8.39 6.39
N GLU A 13 13.69 8.83 7.46
CA GLU A 13 15.02 8.33 7.78
C GLU A 13 15.02 6.88 8.24
N HIS A 14 13.85 6.31 8.52
CA HIS A 14 13.73 4.92 8.91
C HIS A 14 13.46 3.98 7.74
N PHE A 15 13.48 4.52 6.52
CA PHE A 15 13.22 3.76 5.31
C PHE A 15 14.34 3.98 4.33
N GLU A 16 14.62 2.97 3.52
CA GLU A 16 15.47 3.10 2.35
C GLU A 16 14.61 3.06 1.10
N GLY A 17 14.84 4.01 0.19
CA GLY A 17 14.06 4.10 -1.03
C GLY A 17 14.70 3.34 -2.18
N TYR A 18 13.84 2.82 -3.05
CA TYR A 18 14.23 1.99 -4.17
C TYR A 18 13.47 2.46 -5.40
N GLY A 19 14.17 2.62 -6.53
CA GLY A 19 13.43 2.88 -7.75
C GLY A 19 12.82 4.28 -7.78
N SER A 20 11.60 4.37 -8.32
CA SER A 20 10.97 5.68 -8.56
C SER A 20 10.37 6.21 -7.25
N VAL A 21 11.26 6.66 -6.37
CA VAL A 21 10.85 7.32 -5.14
C VAL A 21 11.69 8.58 -4.98
N ASP A 22 11.03 9.70 -4.67
CA ASP A 22 11.72 10.97 -4.45
C ASP A 22 10.93 11.79 -3.43
N ILE A 23 11.41 13.01 -3.20
CA ILE A 23 10.85 13.91 -2.20
C ILE A 23 10.13 15.05 -2.90
N GLN A 24 8.96 15.41 -2.39
CA GLN A 24 8.27 16.64 -2.80
C GLN A 24 8.14 17.54 -1.59
N SER A 25 8.75 18.72 -1.66
CA SER A 25 8.70 19.69 -0.56
C SER A 25 7.52 20.63 -0.75
N ASN A 26 6.82 20.90 0.35
CA ASN A 26 5.69 21.82 0.42
C ASN A 26 4.71 21.65 -0.75
N PRO A 27 4.16 20.45 -0.95
CA PRO A 27 3.14 20.28 -1.99
C PRO A 27 1.93 21.12 -1.67
N GLU A 28 1.59 22.03 -2.59
CA GLU A 28 0.53 23.00 -2.32
C GLU A 28 -0.82 22.32 -2.08
N ASP A 29 -1.08 21.20 -2.75
CA ASP A 29 -2.39 20.58 -2.67
C ASP A 29 -2.58 19.76 -1.40
N LEU A 30 -1.50 19.40 -0.71
CA LEU A 30 -1.59 18.49 0.42
C LEU A 30 -1.46 19.18 1.78
N LYS A 31 -0.94 20.40 1.81
CA LYS A 31 -0.94 21.24 3.02
C LYS A 31 -0.08 20.65 4.14
N VAL A 32 1.01 19.98 3.79
CA VAL A 32 2.01 19.52 4.73
C VAL A 32 3.38 19.92 4.18
N SER A 33 4.41 19.70 5.01
CA SER A 33 5.74 20.23 4.69
C SER A 33 6.49 19.35 3.70
N GLU A 34 6.36 18.03 3.79
CA GLU A 34 7.11 17.14 2.91
C GLU A 34 6.38 15.81 2.75
N VAL A 35 6.34 15.32 1.51
CA VAL A 35 5.86 13.97 1.28
C VAL A 35 6.92 13.21 0.49
N THR A 36 6.89 11.89 0.64
CA THR A 36 7.66 11.02 -0.24
C THR A 36 6.78 10.65 -1.43
N ARG A 37 7.31 10.80 -2.63
CA ARG A 37 6.51 10.70 -3.84
C ARG A 37 6.95 9.49 -4.65
N PHE A 38 5.99 8.69 -5.09
CA PHE A 38 6.22 7.56 -5.99
C PHE A 38 5.79 7.92 -7.41
N ASN A 39 6.48 7.31 -8.39
CA ASN A 39 6.09 7.35 -9.82
C ASN A 39 6.37 8.69 -10.48
N ASN A 40 7.32 9.45 -9.95
CA ASN A 40 7.78 10.69 -10.57
C ASN A 40 9.17 10.57 -11.16
N LYS A 41 10.11 9.98 -10.43
CA LYS A 41 11.48 9.87 -10.91
C LYS A 41 11.60 8.74 -11.93
N SER A 42 12.34 9.00 -13.00
CA SER A 42 12.52 8.01 -14.05
C SER A 42 13.52 6.95 -13.60
N ILE A 43 13.31 5.73 -14.09
CA ILE A 43 14.21 4.62 -13.80
C ILE A 43 14.53 3.88 -15.11
N GLY A 44 14.27 4.53 -16.23
CA GLY A 44 14.57 3.96 -17.55
C GLY A 44 13.79 2.71 -17.88
N LYS A 45 12.51 2.67 -17.52
CA LYS A 45 11.66 1.51 -17.74
C LYS A 45 10.24 2.01 -17.95
N ASN A 46 9.48 1.33 -18.82
CA ASN A 46 8.10 1.74 -19.06
C ASN A 46 7.29 1.64 -17.77
N GLU A 47 7.51 0.59 -16.99
CA GLU A 47 6.79 0.39 -15.73
C GLU A 47 7.58 1.10 -14.63
N LEU A 48 7.10 2.26 -14.21
CA LEU A 48 7.67 2.87 -13.03
C LEU A 48 7.31 2.05 -11.82
N THR A 49 8.24 1.97 -10.86
CA THR A 49 8.02 1.20 -9.66
C THR A 49 8.96 1.73 -8.58
N GLY A 50 8.52 1.64 -7.34
CA GLY A 50 9.28 2.20 -6.24
C GLY A 50 8.88 1.54 -4.95
N ALA A 51 9.81 1.53 -4.00
CA ALA A 51 9.57 0.93 -2.70
C ALA A 51 10.29 1.71 -1.61
N LEU A 52 9.62 1.86 -0.47
CA LEU A 52 10.23 2.30 0.77
C LEU A 52 10.31 1.08 1.67
N GLN A 53 11.53 0.64 1.99
CA GLN A 53 11.71 -0.52 2.86
C GLN A 53 12.01 -0.03 4.27
N LEU A 54 11.20 -0.45 5.23
CA LEU A 54 11.48 -0.15 6.62
C LEU A 54 12.83 -0.74 7.00
N LYS A 55 13.68 0.05 7.62
CA LYS A 55 15.01 -0.43 7.94
C LYS A 55 14.99 -1.52 9.00
N ASN A 56 14.00 -1.50 9.90
CA ASN A 56 13.82 -2.54 10.91
C ASN A 56 12.97 -3.68 10.34
N LYS A 57 13.41 -4.92 10.55
CA LYS A 57 12.54 -6.06 10.28
C LYS A 57 11.43 -6.11 11.33
N VAL A 58 10.26 -6.57 10.90
CA VAL A 58 9.07 -6.56 11.74
C VAL A 58 8.89 -7.93 12.38
N SER A 59 8.99 -7.98 13.71
CA SER A 59 8.71 -9.20 14.46
C SER A 59 7.22 -9.48 14.52
N PHE A 60 6.81 -10.66 14.06
CA PHE A 60 5.43 -11.11 14.22
C PHE A 60 5.19 -11.85 15.52
N LYS A 61 6.21 -11.93 16.39
CA LYS A 61 6.00 -12.40 17.75
C LYS A 61 5.28 -11.37 18.62
N ASN A 62 5.13 -10.13 18.16
CA ASN A 62 4.54 -9.06 18.95
C ASN A 62 3.58 -8.26 18.09
N ASP A 63 2.68 -7.53 18.76
CA ASP A 63 1.75 -6.65 18.05
C ASP A 63 2.50 -5.61 17.21
N PHE A 64 1.83 -5.12 16.16
CA PHE A 64 2.28 -3.87 15.59
C PHE A 64 1.07 -3.08 15.12
N GLU A 65 1.28 -1.78 14.96
CA GLU A 65 0.25 -0.89 14.43
C GLU A 65 0.93 0.20 13.61
N PHE A 66 0.60 0.24 12.33
CA PHE A 66 1.10 1.24 11.39
C PHE A 66 -0.03 2.21 11.06
N ASN A 67 0.22 3.51 11.19
CA ASN A 67 -0.73 4.53 10.73
C ASN A 67 -0.04 5.36 9.66
N ILE A 68 -0.35 5.04 8.41
CA ILE A 68 0.39 5.54 7.25
C ILE A 68 -0.52 6.53 6.53
N ARG A 69 -0.07 7.78 6.45
CA ARG A 69 -0.83 8.79 5.69
C ARG A 69 -0.49 8.65 4.21
N VAL A 70 -1.51 8.38 3.37
CA VAL A 70 -1.30 8.29 1.93
C VAL A 70 -2.30 9.16 1.20
N ALA A 71 -1.89 9.62 0.01
CA ALA A 71 -2.73 10.39 -0.89
C ALA A 71 -2.62 9.79 -2.28
N ASN A 72 -3.75 9.64 -2.96
CA ASN A 72 -3.77 8.97 -4.25
C ASN A 72 -3.79 9.99 -5.39
N ASN A 73 -3.29 9.59 -6.56
CA ASN A 73 -3.35 10.48 -7.70
CA ASN A 73 -3.35 10.52 -7.67
C ASN A 73 -4.81 10.79 -8.05
N HIS A 74 -5.08 12.04 -8.42
CA HIS A 74 -6.38 12.43 -8.91
C HIS A 74 -6.40 12.12 -10.40
N GLN A 75 -6.57 10.84 -10.71
CA GLN A 75 -6.40 10.39 -12.08
C GLN A 75 -7.27 9.17 -12.32
N SER A 76 -7.71 9.05 -13.57
CA SER A 76 -8.52 7.93 -14.05
C SER A 76 -7.91 6.60 -13.63
N VAL A 77 -8.78 5.59 -13.48
CA VAL A 77 -8.29 4.24 -13.18
C VAL A 77 -7.55 3.64 -14.35
N THR A 78 -7.76 4.15 -15.56
CA THR A 78 -7.02 3.64 -16.71
C THR A 78 -5.73 4.40 -16.97
N THR A 79 -5.58 5.61 -16.44
CA THR A 79 -4.37 6.39 -16.65
C THR A 79 -3.39 6.34 -15.48
N GLY A 80 -3.87 6.35 -14.24
CA GLY A 80 -3.01 6.64 -13.11
C GLY A 80 -2.20 5.45 -12.64
N ALA A 81 -1.76 5.54 -11.38
CA ALA A 81 -0.91 4.53 -10.79
C ALA A 81 -1.68 3.23 -10.53
N ASP A 82 -0.92 2.13 -10.43
CA ASP A 82 -1.48 0.83 -10.10
C ASP A 82 -2.15 0.84 -8.72
N GLY A 83 -1.58 1.57 -7.77
CA GLY A 83 -2.10 1.59 -6.43
C GLY A 83 -0.99 1.63 -5.40
N TRP A 84 -1.33 1.21 -4.19
CA TRP A 84 -0.40 1.10 -3.07
C TRP A 84 -0.30 -0.36 -2.68
N GLY A 85 0.92 -0.85 -2.50
CA GLY A 85 1.12 -2.16 -1.91
C GLY A 85 1.90 -2.06 -0.62
N PHE A 86 1.27 -2.48 0.49
CA PHE A 86 1.90 -2.51 1.81
C PHE A 86 2.23 -3.97 2.09
N LEU A 87 3.51 -4.31 2.02
CA LEU A 87 4.00 -5.62 1.66
C LEU A 87 4.93 -6.14 2.75
N PHE A 88 4.73 -7.41 3.15
CA PHE A 88 5.64 -8.12 4.05
C PHE A 88 6.29 -9.29 3.33
N SER A 89 7.61 -9.43 3.50
CA SER A 89 8.31 -10.43 2.72
C SER A 89 9.69 -10.69 3.32
N LYS A 90 10.23 -11.87 3.07
CA LYS A 90 11.63 -12.09 3.34
C LYS A 90 12.50 -11.40 2.30
N GLY A 91 11.93 -11.04 1.16
CA GLY A 91 12.64 -10.28 0.15
C GLY A 91 12.76 -8.83 0.52
N ASP A 92 13.58 -8.13 -0.25
CA ASP A 92 13.96 -6.76 0.04
C ASP A 92 13.58 -5.84 -1.12
N GLY A 93 13.99 -4.58 -1.01
CA GLY A 93 13.62 -3.60 -2.01
C GLY A 93 14.14 -3.93 -3.40
N ASN A 94 15.34 -4.51 -3.48
CA ASN A 94 15.86 -4.82 -4.80
C ASN A 94 15.09 -5.98 -5.44
N GLU A 95 14.66 -6.95 -4.64
CA GLU A 95 13.86 -8.03 -5.22
C GLU A 95 12.53 -7.52 -5.73
N TYR A 96 11.91 -6.60 -4.99
CA TYR A 96 10.63 -6.03 -5.43
C TYR A 96 10.79 -5.35 -6.79
N LEU A 97 11.87 -4.59 -6.97
CA LEU A 97 12.10 -3.89 -8.24
C LEU A 97 12.12 -4.86 -9.42
N GLN A 98 12.63 -6.08 -9.21
CA GLN A 98 12.78 -7.04 -10.29
C GLN A 98 11.53 -7.90 -10.51
N LYS A 99 10.82 -8.28 -9.45
CA LYS A 99 9.70 -9.20 -9.60
C LYS A 99 8.33 -8.58 -9.39
N GLY A 100 8.25 -7.39 -8.82
CA GLY A 100 6.97 -6.81 -8.48
C GLY A 100 6.50 -7.20 -7.10
N GLY A 101 5.36 -6.64 -6.72
CA GLY A 101 4.79 -6.92 -5.41
C GLY A 101 3.43 -7.57 -5.45
N ILE A 102 2.40 -6.86 -4.99
CA ILE A 102 1.05 -7.39 -4.88
C ILE A 102 0.04 -6.62 -5.72
N LEU A 103 0.50 -5.70 -6.57
CA LEU A 103 -0.43 -4.85 -7.31
C LEU A 103 -0.73 -5.37 -8.72
N GLY A 104 -0.08 -6.45 -9.16
CA GLY A 104 -0.38 -7.05 -10.44
C GLY A 104 -0.67 -8.53 -10.31
N PRO A 105 -0.63 -9.26 -11.43
CA PRO A 105 -0.95 -10.69 -11.36
C PRO A 105 0.16 -11.53 -10.77
N LYS A 106 1.39 -11.03 -10.73
CA LYS A 106 2.54 -11.80 -10.25
C LYS A 106 3.48 -10.88 -9.51
N GLY A 107 4.15 -11.43 -8.50
CA GLY A 107 5.07 -10.64 -7.71
C GLY A 107 6.05 -11.51 -6.96
N MET A 108 6.87 -10.86 -6.15
CA MET A 108 7.76 -11.53 -5.22
C MET A 108 7.06 -12.71 -4.55
N GLU A 109 7.68 -13.88 -4.62
CA GLU A 109 7.04 -15.08 -4.11
C GLU A 109 7.03 -15.07 -2.58
N ASN A 110 6.08 -15.82 -2.02
CA ASN A 110 5.94 -16.07 -0.59
C ASN A 110 5.88 -14.78 0.23
N SER A 111 5.08 -13.83 -0.26
CA SER A 111 4.92 -12.52 0.36
C SER A 111 3.43 -12.25 0.54
N ALA A 112 3.11 -11.24 1.33
CA ALA A 112 1.70 -10.91 1.57
C ALA A 112 1.57 -9.47 2.02
N GLY A 113 0.39 -8.91 1.78
CA GLY A 113 0.10 -7.63 2.38
C GLY A 113 -1.25 -7.12 1.98
N PHE A 114 -1.40 -5.80 2.11
CA PHE A 114 -2.65 -5.12 1.81
C PHE A 114 -2.42 -4.15 0.67
N LYS A 115 -3.35 -4.12 -0.28
CA LYS A 115 -3.22 -3.23 -1.41
C LYS A 115 -4.43 -2.31 -1.51
N ILE A 116 -4.14 -1.06 -1.84
CA ILE A 116 -5.13 -0.09 -2.29
C ILE A 116 -4.96 -0.05 -3.80
N ASP A 117 -5.88 -0.69 -4.52
CA ASP A 117 -5.77 -0.85 -5.97
C ASP A 117 -6.50 0.30 -6.65
N THR A 118 -5.73 1.14 -7.37
CA THR A 118 -6.27 2.33 -8.02
C THR A 118 -6.15 2.28 -9.54
N GLY A 119 -5.73 1.17 -10.12
CA GLY A 119 -5.50 1.11 -11.55
C GLY A 119 -6.09 -0.16 -12.15
N TYR A 120 -6.47 -0.06 -13.42
CA TYR A 120 -7.02 -1.21 -14.13
C TYR A 120 -5.94 -1.85 -15.01
N ASN A 121 -5.57 -3.08 -14.68
CA ASN A 121 -4.60 -3.84 -15.45
C ASN A 121 -5.35 -5.01 -16.07
N PHE A 122 -5.46 -5.01 -17.41
CA PHE A 122 -6.21 -6.06 -18.09
C PHE A 122 -5.59 -7.44 -17.88
N LYS A 123 -4.34 -7.51 -17.44
CA LYS A 123 -3.69 -8.80 -17.23
C LYS A 123 -3.94 -9.35 -15.84
N ASP A 124 -4.61 -8.61 -14.97
CA ASP A 124 -4.79 -9.07 -13.59
C ASP A 124 -6.19 -9.61 -13.40
N PRO A 125 -6.36 -10.92 -13.20
CA PRO A 125 -7.72 -11.46 -13.03
C PRO A 125 -8.46 -10.91 -11.81
N MET A 126 -7.74 -10.31 -10.86
CA MET A 126 -8.42 -9.70 -9.73
C MET A 126 -9.13 -8.42 -10.15
N ASP A 127 -8.53 -7.62 -11.04
CA ASP A 127 -9.22 -6.42 -11.50
C ASP A 127 -10.51 -6.76 -12.23
N LYS A 128 -10.59 -7.92 -12.88
CA LYS A 128 -11.83 -8.29 -13.54
C LYS A 128 -12.88 -8.74 -12.52
N GLU A 129 -12.46 -9.46 -11.48
CA GLU A 129 -13.41 -9.89 -10.46
C GLU A 129 -14.03 -8.70 -9.75
N GLU A 130 -13.31 -7.61 -9.63
CA GLU A 130 -13.77 -6.44 -8.90
C GLU A 130 -14.47 -5.42 -9.79
N LYS A 131 -14.62 -5.72 -11.08
CA LYS A 131 -15.22 -4.81 -12.03
C LYS A 131 -14.52 -3.46 -11.99
N GLN A 132 -13.19 -3.52 -11.98
CA GLN A 132 -12.35 -2.32 -11.95
CA GLN A 132 -12.46 -2.26 -11.92
C GLN A 132 -12.37 -1.55 -13.27
N ALA A 133 -12.69 -2.22 -14.38
CA ALA A 133 -12.72 -1.53 -15.66
C ALA A 133 -13.68 -0.35 -15.60
N GLY A 134 -13.15 0.84 -15.86
CA GLY A 134 -13.96 2.04 -15.80
C GLY A 134 -13.12 3.24 -16.20
N GLN A 135 -13.73 4.41 -16.07
CA GLN A 135 -13.03 5.66 -16.39
C GLN A 135 -13.12 6.68 -15.28
N GLY A 136 -13.51 6.27 -14.09
CA GLY A 136 -13.60 7.18 -12.96
C GLY A 136 -12.58 6.87 -11.90
N PHE A 137 -12.94 7.08 -10.64
CA PHE A 137 -12.02 6.90 -9.52
C PHE A 137 -12.39 5.70 -8.65
N LYS A 138 -13.03 4.69 -9.22
CA LYS A 138 -13.43 3.53 -8.43
C LYS A 138 -12.26 2.56 -8.32
N GLY A 139 -11.85 2.26 -7.10
CA GLY A 139 -10.82 1.26 -6.87
C GLY A 139 -11.29 0.24 -5.86
N TYR A 140 -10.35 -0.50 -5.26
CA TYR A 140 -10.74 -1.45 -4.23
C TYR A 140 -9.53 -1.74 -3.36
N GLY A 141 -9.81 -2.27 -2.17
CA GLY A 141 -8.75 -2.70 -1.28
C GLY A 141 -8.98 -4.14 -0.88
N THR A 142 -7.88 -4.82 -0.57
CA THR A 142 -7.94 -6.21 -0.13
C THR A 142 -6.56 -6.65 0.33
N PHE A 143 -6.53 -7.60 1.27
CA PHE A 143 -5.29 -8.33 1.52
C PHE A 143 -4.99 -9.27 0.37
N VAL A 144 -3.70 -9.52 0.15
CA VAL A 144 -3.19 -10.25 -1.00
C VAL A 144 -2.01 -11.10 -0.55
N LYS A 145 -1.89 -12.30 -1.10
CA LYS A 145 -0.69 -13.11 -0.93
C LYS A 145 -0.21 -13.64 -2.26
N THR A 146 1.10 -13.86 -2.37
CA THR A 146 1.68 -14.52 -3.52
C THR A 146 2.14 -15.91 -3.08
N GLY A 147 2.03 -16.87 -3.98
CA GLY A 147 2.42 -18.23 -3.69
C GLY A 147 3.90 -18.45 -3.91
N ALA A 148 4.27 -19.72 -3.96
CA ALA A 148 5.66 -20.05 -4.27
C ALA A 148 6.03 -19.64 -5.69
N ASP A 149 5.08 -19.66 -6.61
CA ASP A 149 5.34 -19.28 -8.00
C ASP A 149 5.10 -17.80 -8.29
N GLY A 150 4.69 -17.03 -7.28
CA GLY A 150 4.56 -15.59 -7.42
C GLY A 150 3.16 -15.08 -7.72
N THR A 151 2.19 -15.96 -7.92
CA THR A 151 0.87 -15.53 -8.35
C THR A 151 0.11 -14.88 -7.19
N THR A 152 -0.49 -13.73 -7.45
CA THR A 152 -1.27 -13.03 -6.42
C THR A 152 -2.65 -13.65 -6.26
N ALA A 153 -3.15 -13.62 -5.02
CA ALA A 153 -4.49 -14.12 -4.71
C ALA A 153 -5.05 -13.31 -3.55
N LYS A 154 -6.38 -13.11 -3.59
CA LYS A 154 -7.10 -12.47 -2.49
C LYS A 154 -7.04 -13.33 -1.24
N VAL A 155 -6.93 -12.68 -0.08
CA VAL A 155 -7.00 -13.34 1.22
C VAL A 155 -7.86 -12.49 2.15
N GLY A 156 -8.59 -13.15 3.05
CA GLY A 156 -9.37 -12.42 4.02
C GLY A 156 -10.65 -11.86 3.43
N THR A 157 -11.16 -10.80 4.05
CA THR A 157 -12.46 -10.27 3.65
C THR A 157 -12.62 -8.82 4.09
N ASN A 158 -13.44 -8.08 3.35
CA ASN A 158 -14.02 -6.85 3.87
C ASN A 158 -14.98 -7.17 5.02
N ILE A 159 -15.01 -6.31 6.03
CA ILE A 159 -16.00 -6.45 7.09
C ILE A 159 -17.03 -5.34 6.95
N PRO A 160 -18.12 -5.56 6.25
CA PRO A 160 -19.05 -4.45 5.97
C PRO A 160 -19.89 -4.09 7.17
N THR A 161 -20.26 -2.81 7.23
CA THR A 161 -21.23 -2.36 8.22
C THR A 161 -22.56 -3.08 8.06
N ARG A 162 -22.99 -3.29 6.82
CA ARG A 162 -24.24 -3.97 6.51
C ARG A 162 -24.11 -4.66 5.17
N GLY A 163 -25.01 -5.62 4.92
CA GLY A 163 -25.06 -6.24 3.61
C GLY A 163 -23.85 -7.10 3.29
N LYS A 164 -23.57 -7.23 2.00
CA LYS A 164 -22.54 -8.12 1.51
C LYS A 164 -21.16 -7.48 1.59
N ALA A 165 -20.14 -8.32 1.67
CA ALA A 165 -18.78 -7.81 1.70
C ALA A 165 -18.50 -7.12 0.38
N ASP A 166 -17.82 -5.98 0.44
CA ASP A 166 -17.50 -5.25 -0.78
C ASP A 166 -16.16 -4.54 -0.60
N ASN A 167 -15.25 -4.76 -1.56
CA ASN A 167 -13.92 -4.18 -1.50
C ASN A 167 -13.84 -2.80 -2.12
N SER A 168 -14.84 -2.39 -2.88
CA SER A 168 -14.72 -1.20 -3.70
C SER A 168 -14.89 0.07 -2.87
N PHE A 169 -14.28 1.14 -3.36
CA PHE A 169 -14.47 2.49 -2.85
C PHE A 169 -13.93 3.44 -3.89
N GLN A 170 -14.21 4.73 -3.71
CA GLN A 170 -13.69 5.79 -4.57
C GLN A 170 -12.36 6.28 -4.01
N TYR A 171 -11.28 6.13 -4.77
CA TYR A 171 -9.95 6.47 -4.29
C TYR A 171 -9.62 7.94 -4.51
N ALA A 172 -10.51 8.66 -5.17
CA ALA A 172 -10.38 10.10 -5.32
C ALA A 172 -11.77 10.61 -5.66
N ASP A 173 -11.94 11.93 -5.57
CA ASP A 173 -13.24 12.49 -5.92
C ASP A 173 -13.07 13.90 -6.47
N ASN A 174 -14.17 14.42 -6.99
CA ASN A 174 -14.26 15.82 -7.41
C ASN A 174 -15.16 16.60 -6.46
N SER A 175 -14.96 16.37 -5.17
CA SER A 175 -15.65 17.15 -4.16
C SER A 175 -15.18 18.59 -4.27
N ASP A 177 -18.65 21.41 -2.95
CA ASP A 177 -17.38 20.86 -3.42
C ASP A 177 -16.22 21.26 -2.51
N THR A 178 -16.22 20.75 -1.29
CA THR A 178 -15.25 21.15 -0.28
C THR A 178 -14.55 19.93 0.30
N THR A 179 -13.23 19.87 0.13
CA THR A 179 -12.44 18.74 0.59
C THR A 179 -12.04 18.83 2.06
N ASP A 180 -12.93 19.32 2.92
CA ASP A 180 -12.72 19.34 4.37
C ASP A 180 -13.85 18.60 5.07
N GLY A 181 -13.50 17.51 5.75
CA GLY A 181 -14.48 16.73 6.49
C GLY A 181 -14.38 15.23 6.27
N LYS A 182 -14.98 14.74 5.19
CA LYS A 182 -15.10 13.32 4.92
C LYS A 182 -13.87 12.79 4.18
N PHE A 183 -13.98 11.59 3.62
CA PHE A 183 -12.86 10.95 2.93
C PHE A 183 -12.76 11.46 1.49
N HIS A 184 -11.62 12.06 1.16
CA HIS A 184 -11.30 12.45 -0.22
C HIS A 184 -9.91 11.91 -0.52
N GLY A 185 -9.84 10.81 -1.28
CA GLY A 185 -8.62 10.00 -1.32
C GLY A 185 -7.43 10.69 -1.95
N GLN A 186 -7.65 11.79 -2.68
CA GLN A 186 -6.52 12.53 -3.24
C GLN A 186 -5.84 13.40 -2.20
N LEU A 187 -6.42 13.54 -1.01
CA LEU A 187 -5.76 14.13 0.13
C LEU A 187 -5.06 13.05 0.94
N LEU A 188 -4.23 13.49 1.89
CA LEU A 188 -3.61 12.56 2.83
C LEU A 188 -4.67 12.02 3.80
N ASN A 189 -4.80 10.70 3.82
CA ASN A 189 -5.72 10.01 4.73
C ASN A 189 -4.98 8.86 5.38
N ASN A 190 -5.41 8.48 6.58
CA ASN A 190 -4.71 7.44 7.31
C ASN A 190 -5.11 6.06 6.83
N LEU A 191 -4.12 5.21 6.60
CA LEU A 191 -4.31 3.77 6.49
C LEU A 191 -3.76 3.16 7.76
N LYS A 192 -4.62 2.48 8.51
CA LYS A 192 -4.22 1.79 9.72
C LYS A 192 -3.98 0.32 9.39
N LEU A 193 -2.77 -0.15 9.67
CA LEU A 193 -2.42 -1.56 9.52
C LEU A 193 -2.09 -2.05 10.91
N ALA A 194 -2.94 -2.92 11.46
CA ALA A 194 -2.82 -3.37 12.84
C ALA A 194 -2.73 -4.88 12.89
N TYR A 195 -1.86 -5.39 13.77
CA TYR A 195 -1.66 -6.82 13.91
C TYR A 195 -1.69 -7.19 15.40
N ASN A 196 -2.48 -8.20 15.73
CA ASN A 196 -2.63 -8.68 17.11
C ASN A 196 -2.02 -10.08 17.14
N GLU A 197 -0.86 -10.21 17.77
CA GLU A 197 -0.17 -11.50 17.74
C GLU A 197 -0.97 -12.59 18.44
N LYS A 198 -1.83 -12.22 19.39
CA LYS A 198 -2.63 -13.23 20.08
C LYS A 198 -3.67 -13.84 19.15
N SER A 199 -4.39 -13.01 18.40
CA SER A 199 -5.42 -13.52 17.51
C SER A 199 -4.89 -13.95 16.15
N GLY A 200 -3.68 -13.53 15.78
CA GLY A 200 -3.17 -13.84 14.47
C GLY A 200 -3.75 -13.02 13.34
N ILE A 201 -4.50 -11.96 13.66
CA ILE A 201 -5.27 -11.19 12.69
C ILE A 201 -4.52 -9.92 12.32
N MET A 202 -4.38 -9.68 11.02
CA MET A 202 -3.98 -8.37 10.50
C MET A 202 -5.23 -7.64 10.03
N ARG A 203 -5.39 -6.41 10.49
CA ARG A 203 -6.54 -5.58 10.16
C ARG A 203 -6.08 -4.36 9.40
N ALA A 204 -6.83 -3.98 8.37
CA ALA A 204 -6.59 -2.75 7.62
C ALA A 204 -7.83 -1.87 7.71
N GLU A 205 -7.62 -0.58 8.01
CA GLU A 205 -8.69 0.41 8.03
C GLU A 205 -8.32 1.56 7.10
N TYR A 206 -9.19 1.85 6.15
CA TYR A 206 -8.93 2.89 5.15
C TYR A 206 -10.24 3.24 4.47
N ALA A 207 -10.40 4.51 4.13
CA ALA A 207 -11.57 4.98 3.40
C ALA A 207 -12.88 4.64 4.12
N GLY A 208 -12.84 4.56 5.44
CA GLY A 208 -14.00 4.18 6.22
C GLY A 208 -14.41 2.73 6.12
N LYS A 209 -13.55 1.85 5.63
CA LYS A 209 -13.85 0.44 5.49
C LYS A 209 -12.85 -0.35 6.31
N ILE A 210 -13.14 -1.63 6.50
CA ILE A 210 -12.35 -2.52 7.34
C ILE A 210 -12.17 -3.82 6.60
N TRP A 211 -10.94 -4.34 6.63
CA TRP A 211 -10.63 -5.67 6.11
C TRP A 211 -9.83 -6.40 7.17
N GLU A 212 -9.93 -7.73 7.17
CA GLU A 212 -9.16 -8.57 8.06
C GLU A 212 -8.66 -9.80 7.32
N ALA A 213 -7.49 -10.30 7.73
CA ALA A 213 -7.00 -11.58 7.25
C ALA A 213 -6.17 -12.21 8.36
N ASN A 214 -6.20 -13.54 8.44
CA ASN A 214 -5.33 -14.26 9.36
C ASN A 214 -3.95 -14.44 8.73
N ILE A 215 -2.91 -14.34 9.54
CA ILE A 215 -1.57 -14.44 8.99
C ILE A 215 -1.30 -15.85 8.46
N SER A 216 -1.97 -16.86 9.04
CA SER A 216 -1.87 -18.21 8.49
C SER A 216 -2.32 -18.25 7.04
N ASP A 217 -3.46 -17.62 6.72
CA ASP A 217 -3.90 -17.57 5.32
C ASP A 217 -3.04 -16.66 4.47
N LEU A 218 -2.41 -15.63 5.08
CA LEU A 218 -1.46 -14.82 4.32
C LEU A 218 -0.15 -15.55 4.07
N GLY A 219 0.12 -16.65 4.79
CA GLY A 219 1.37 -17.36 4.66
C GLY A 219 2.51 -16.74 5.42
N LEU A 220 2.23 -15.92 6.41
CA LEU A 220 3.24 -15.38 7.30
C LEU A 220 3.25 -16.18 8.58
N ASP A 221 4.44 -16.42 9.13
CA ASP A 221 4.61 -17.22 10.33
C ASP A 221 4.78 -16.33 11.54
N LYS A 222 4.14 -16.72 12.66
CA LYS A 222 4.26 -15.96 13.88
C LYS A 222 5.70 -15.81 14.32
N SER A 223 6.50 -16.86 14.15
CA SER A 223 7.87 -16.87 14.66
C SER A 223 8.85 -16.17 13.73
N GLU A 224 8.45 -15.79 12.52
CA GLU A 224 9.38 -15.14 11.63
C GLU A 224 9.31 -13.63 11.77
N ALA A 225 10.33 -12.97 11.24
CA ALA A 225 10.38 -11.52 11.10
C ALA A 225 10.52 -11.21 9.62
N TYR A 226 9.82 -10.16 9.17
CA TYR A 226 9.69 -9.87 7.75
C TYR A 226 10.10 -8.43 7.47
N ASN A 227 10.62 -8.20 6.27
CA ASN A 227 10.78 -6.84 5.79
C ASN A 227 9.41 -6.25 5.49
N PHE A 228 9.25 -4.95 5.72
CA PHE A 228 8.02 -4.24 5.40
C PHE A 228 8.28 -3.22 4.31
N LEU A 229 7.48 -3.27 3.24
CA LEU A 229 7.68 -2.39 2.10
C LEU A 229 6.41 -1.62 1.76
N ILE A 230 6.57 -0.32 1.54
CA ILE A 230 5.53 0.55 1.00
C ILE A 230 5.85 0.74 -0.49
N THR A 231 4.97 0.30 -1.37
CA THR A 231 5.28 0.24 -2.80
C THR A 231 4.19 0.89 -3.64
N SER A 232 4.58 1.29 -4.85
CA SER A 232 3.61 1.73 -5.84
C SER A 232 4.28 1.55 -7.20
N SER A 233 3.47 1.51 -8.25
CA SER A 233 4.00 1.45 -9.59
C SER A 233 3.00 2.11 -10.54
N GLN A 234 3.46 2.38 -11.77
CA GLN A 234 2.60 2.91 -12.82
C GLN A 234 3.18 2.53 -14.18
N ARG A 235 2.32 2.13 -15.12
CA ARG A 235 2.72 1.98 -16.51
C ARG A 235 2.62 3.33 -17.21
N GLN A 236 3.72 3.80 -17.80
CA GLN A 236 3.72 5.08 -18.47
C GLN A 236 3.14 4.96 -19.87
N GLY A 237 2.94 6.11 -20.50
CA GLY A 237 2.50 6.18 -21.89
C GLY A 237 1.00 6.16 -22.09
N THR A 238 0.22 6.07 -21.01
CA THR A 238 -1.23 6.09 -21.08
C THR A 238 -1.80 7.50 -21.02
N SER A 239 -1.11 8.42 -20.35
CA SER A 239 -1.49 9.82 -20.33
C SER A 239 -0.77 10.55 -21.45
N VAL A 242 -1.32 15.13 -17.23
CA VAL A 242 0.03 14.57 -17.29
C VAL A 242 0.92 15.18 -16.21
N TYR A 243 0.69 16.44 -15.82
CA TYR A 243 1.37 16.94 -14.63
C TYR A 243 0.80 16.24 -13.42
N ALA A 244 1.69 15.79 -12.53
CA ALA A 244 1.37 14.95 -11.38
C ALA A 244 0.82 13.60 -11.79
N ASN A 245 0.98 13.22 -13.07
CA ASN A 245 0.52 11.92 -13.54
C ASN A 245 1.14 10.79 -12.70
N GLY A 246 0.29 9.96 -12.10
CA GLY A 246 0.76 8.79 -11.39
C GLY A 246 1.31 9.03 -10.00
N TRP A 247 1.35 10.28 -9.52
CA TRP A 247 1.97 10.59 -8.24
C TRP A 247 1.22 9.90 -7.10
N MET A 248 1.92 9.09 -6.31
CA MET A 248 1.38 8.51 -5.09
C MET A 248 2.28 8.97 -3.96
N ARG A 249 1.72 9.69 -2.99
CA ARG A 249 2.52 10.41 -2.01
C ARG A 249 2.12 10.00 -0.60
N THR A 250 3.12 9.90 0.29
CA THR A 250 2.90 9.57 1.69
C THR A 250 3.68 10.53 2.56
N ASP A 251 3.07 10.94 3.67
CA ASP A 251 3.66 11.87 4.63
C ASP A 251 4.21 11.04 5.78
N LEU A 252 5.47 10.64 5.64
CA LEU A 252 6.07 9.80 6.67
C LEU A 252 6.40 10.56 7.94
N ASN A 253 6.45 11.90 7.88
CA ASN A 253 6.74 12.65 9.10
C ASN A 253 5.58 12.62 10.07
N ASN A 254 4.36 12.48 9.57
CA ASN A 254 3.20 12.35 10.46
C ASN A 254 2.56 10.97 10.39
N SER A 255 3.24 10.01 9.76
CA SER A 255 2.91 8.60 9.87
C SER A 255 3.61 8.04 11.11
N THR A 256 3.00 7.04 11.74
CA THR A 256 3.59 6.39 12.90
C THR A 256 3.63 4.89 12.70
N PHE A 257 4.74 4.28 13.13
CA PHE A 257 4.94 2.85 13.02
C PHE A 257 5.32 2.31 14.40
N LYS A 258 4.43 1.55 15.01
CA LYS A 258 4.67 0.92 16.30
C LYS A 258 4.92 -0.56 16.08
N LEU A 259 6.05 -1.06 16.58
CA LEU A 259 6.41 -2.44 16.35
C LEU A 259 7.49 -2.83 17.34
N THR A 260 7.72 -4.14 17.44
CA THR A 260 8.94 -4.61 18.06
C THR A 260 9.91 -4.97 16.95
N PRO A 261 11.02 -4.26 16.82
CA PRO A 261 11.96 -4.55 15.75
C PRO A 261 12.68 -5.87 16.00
N ASN A 262 13.05 -6.54 14.92
CA ASN A 262 13.76 -7.82 15.00
C ASN A 262 14.50 -8.15 13.71
S SO4 B . 3.82 19.28 9.11
O1 SO4 B . 3.46 19.94 7.86
O2 SO4 B . 4.31 20.28 10.07
O3 SO4 B . 4.87 18.30 8.86
O4 SO4 B . 2.62 18.64 9.68
S SO4 C . 8.24 19.58 -7.44
O1 SO4 C . 8.94 18.80 -6.42
O2 SO4 C . 8.20 20.99 -7.05
O3 SO4 C . 8.97 19.46 -8.72
O4 SO4 C . 6.87 19.10 -7.59
S SO4 D . -18.98 -0.35 4.78
O1 SO4 D . -18.26 -0.54 6.03
O2 SO4 D . -19.02 1.07 4.47
O3 SO4 D . -18.28 -1.08 3.71
O4 SO4 D . -20.36 -0.85 4.86
S SO4 E . -10.42 -6.65 -21.36
O1 SO4 E . -9.49 -7.69 -20.92
O2 SO4 E . -10.09 -5.37 -20.73
O3 SO4 E . -10.34 -6.57 -22.81
O4 SO4 E . -11.79 -6.98 -20.96
CA CA F . 12.06 -13.72 -2.69
CA CA G . -5.49 -3.18 -10.40
NA NA H . -4.16 16.64 2.81
ZN ZN I . -7.27 14.95 -11.99
ZN ZN J . 12.67 9.31 13.66
ZN ZN K . 1.54 -19.48 -7.02
#